data_1DAM
#
_entry.id   1DAM
#
_cell.length_a   72.700
_cell.length_b   48.900
_cell.length_c   61.100
_cell.angle_alpha   90.00
_cell.angle_beta   106.70
_cell.angle_gamma   90.00
#
_symmetry.space_group_name_H-M   'C 1 2 1'
#
loop_
_entity.id
_entity.type
_entity.pdbx_description
1 polymer 'PROTEIN (DETHIOBIOTIN SYNTHETASE)'
2 non-polymer 'MAGNESIUM ION'
3 non-polymer 'PHOSPHATE ION'
4 non-polymer "ADENOSINE-5'-DIPHOSPHATE"
5 non-polymer '6-(5-METHYL-2-OXO-IMIDAZOLIDIN-4-YL)-HEXANOIC ACID'
6 water water
#
_entity_poly.entity_id   1
_entity_poly.type   'polypeptide(L)'
_entity_poly.pdbx_seq_one_letter_code
;SKRYFVTGTDTEVGKTVASCALLQAAKAAGYRTAGYKPVASGSEKTPEGLRNSDALALQRNSSLQLDYATVNPYTFAEPT
SPHIISAQEGRPIESLVMSAGLRALEQQADWVLVEGAGGWFTPLSDTFTFADWVTQEQLPVILVVGVKLGCINHAMLTAQ
VIQHAGLTLAGWVANDVTPPGKRHAEYMTTLTRMIPAPLLGEIPWLAENPENAATGKYINLALL
;
_entity_poly.pdbx_strand_id   A
#
# COMPACT_ATOMS: atom_id res chain seq x y z
N SER A 1 -14.91 8.27 8.69
CA SER A 1 -13.44 8.47 8.65
C SER A 1 -12.86 7.95 7.34
N LYS A 2 -11.82 8.62 6.87
CA LYS A 2 -11.18 8.29 5.61
C LYS A 2 -10.41 6.96 5.65
N ARG A 3 -10.57 6.22 4.56
CA ARG A 3 -9.85 4.96 4.35
C ARG A 3 -9.36 4.84 2.90
N TYR A 4 -8.13 4.40 2.67
CA TYR A 4 -7.61 4.24 1.32
C TYR A 4 -6.89 2.89 1.24
N PHE A 5 -6.91 2.23 0.10
CA PHE A 5 -6.12 1.01 -0.08
C PHE A 5 -4.98 1.37 -1.02
N VAL A 6 -3.74 1.08 -0.64
CA VAL A 6 -2.63 1.39 -1.53
C VAL A 6 -2.14 0.13 -2.25
N THR A 7 -2.20 0.18 -3.58
CA THR A 7 -1.74 -0.94 -4.41
C THR A 7 -0.57 -0.43 -5.25
N GLY A 8 0.10 -1.32 -5.97
CA GLY A 8 1.25 -0.90 -6.78
C GLY A 8 1.21 -1.65 -8.11
N THR A 9 2.02 -1.20 -9.03
CA THR A 9 2.09 -1.80 -10.37
C THR A 9 2.77 -3.20 -10.29
N ASP A 10 3.33 -3.48 -9.13
CA ASP A 10 4.04 -4.76 -8.85
C ASP A 10 4.55 -4.72 -7.41
N THR A 11 5.19 -5.77 -6.98
CA THR A 11 5.87 -5.72 -5.68
C THR A 11 7.17 -4.96 -5.96
N GLU A 12 7.75 -4.43 -4.92
CA GLU A 12 9.03 -3.67 -4.98
C GLU A 12 8.98 -2.43 -5.91
N VAL A 13 7.88 -1.69 -5.86
CA VAL A 13 7.74 -0.45 -6.66
C VAL A 13 7.60 0.79 -5.78
N GLY A 14 7.40 0.59 -4.48
CA GLY A 14 7.35 1.71 -3.52
C GLY A 14 6.02 1.87 -2.76
N LYS A 15 5.22 0.81 -2.68
CA LYS A 15 3.95 0.89 -1.94
C LYS A 15 4.21 1.37 -0.49
N THR A 16 5.23 0.78 0.12
CA THR A 16 5.57 1.10 1.53
C THR A 16 6.14 2.49 1.65
N VAL A 17 7.13 2.84 0.80
CA VAL A 17 7.67 4.20 0.88
C VAL A 17 6.58 5.22 0.61
N ALA A 18 5.79 5.04 -0.44
CA ALA A 18 4.68 5.96 -0.70
C ALA A 18 3.65 5.96 0.43
N SER A 19 3.39 4.81 1.04
CA SER A 19 2.40 4.73 2.11
C SER A 19 2.87 5.57 3.30
N CYS A 20 4.15 5.49 3.63
CA CYS A 20 4.73 6.35 4.67
C CYS A 20 4.61 7.82 4.35
N ALA A 21 4.81 8.21 3.07
CA ALA A 21 4.64 9.60 2.69
C ALA A 21 3.20 10.06 2.89
N LEU A 22 2.25 9.20 2.51
CA LEU A 22 0.83 9.48 2.62
C LEU A 22 0.44 9.67 4.07
N LEU A 23 0.89 8.74 4.91
CA LEU A 23 0.65 8.83 6.35
C LEU A 23 1.25 10.10 6.96
N GLN A 24 2.48 10.43 6.61
CA GLN A 24 3.12 11.65 7.08
C GLN A 24 2.34 12.89 6.67
N ALA A 25 1.86 12.94 5.43
CA ALA A 25 1.06 14.06 4.96
C ALA A 25 -0.25 14.17 5.74
N ALA A 26 -0.90 13.04 5.99
CA ALA A 26 -2.15 13.02 6.75
C ALA A 26 -1.94 13.48 8.19
N LYS A 27 -0.86 13.07 8.82
CA LYS A 27 -0.51 13.58 10.15
C LYS A 27 -0.32 15.08 10.08
N ALA A 28 0.40 15.58 9.08
CA ALA A 28 0.60 17.01 8.87
C ALA A 28 -0.71 17.77 8.73
N ALA A 29 -1.70 17.15 8.10
CA ALA A 29 -3.02 17.73 7.94
C ALA A 29 -3.83 17.69 9.24
N GLY A 30 -3.38 17.00 10.26
CA GLY A 30 -4.03 16.96 11.57
C GLY A 30 -4.89 15.73 11.81
N TYR A 31 -4.81 14.73 10.93
CA TYR A 31 -5.56 13.50 11.15
C TYR A 31 -4.89 12.59 12.19
N ARG A 32 -5.69 11.74 12.80
CA ARG A 32 -5.28 10.72 13.75
C ARG A 32 -5.11 9.47 12.86
N THR A 33 -3.88 9.20 12.46
CA THR A 33 -3.61 8.19 11.45
C THR A 33 -3.22 6.81 11.94
N ALA A 34 -3.46 5.83 11.06
CA ALA A 34 -3.11 4.44 11.27
C ALA A 34 -2.82 3.80 9.90
N GLY A 35 -1.78 2.98 9.88
CA GLY A 35 -1.45 2.19 8.70
C GLY A 35 -1.81 0.75 9.01
N TYR A 36 -2.26 0.05 7.99
CA TYR A 36 -2.73 -1.32 8.18
C TYR A 36 -2.15 -2.17 7.05
N LYS A 37 -1.45 -3.22 7.44
CA LYS A 37 -0.89 -4.21 6.49
C LYS A 37 -1.44 -5.55 6.96
N PRO A 38 -2.67 -5.89 6.57
CA PRO A 38 -3.35 -7.08 7.04
C PRO A 38 -2.61 -8.36 6.77
N VAL A 39 -2.04 -8.44 5.57
CA VAL A 39 -1.33 -9.67 5.17
C VAL A 39 0.10 -9.32 4.79
N ALA A 40 1.06 -10.00 5.40
CA ALA A 40 2.47 -9.77 5.09
C ALA A 40 3.27 -11.07 5.07
N SER A 41 4.21 -11.18 4.13
CA SER A 41 5.09 -12.34 4.03
C SER A 41 6.52 -11.81 3.81
N GLY A 42 7.48 -12.53 4.34
CA GLY A 42 8.89 -12.09 4.23
C GLY A 42 9.11 -11.31 5.54
N SER A 43 9.23 -12.06 6.63
CA SER A 43 9.36 -11.48 7.96
C SER A 43 10.47 -12.07 8.81
N GLU A 44 11.00 -11.27 9.73
CA GLU A 44 12.08 -11.72 10.61
C GLU A 44 11.65 -12.15 12.00
N LYS A 45 12.39 -13.11 12.56
CA LYS A 45 12.07 -13.62 13.89
C LYS A 45 12.53 -12.63 14.95
N THR A 46 11.72 -12.44 15.98
CA THR A 46 12.06 -11.59 17.12
C THR A 46 11.55 -12.34 18.35
N PRO A 47 11.87 -11.86 19.54
CA PRO A 47 11.40 -12.47 20.77
C PRO A 47 9.89 -12.47 20.93
N GLU A 48 9.21 -11.54 20.26
CA GLU A 48 7.77 -11.44 20.30
C GLU A 48 7.06 -12.18 19.16
N GLY A 49 7.84 -12.81 18.28
CA GLY A 49 7.25 -13.51 17.13
C GLY A 49 7.75 -12.83 15.85
N LEU A 50 7.20 -13.27 14.72
CA LEU A 50 7.64 -12.73 13.44
C LEU A 50 7.25 -11.27 13.28
N ARG A 51 8.12 -10.47 12.67
CA ARG A 51 7.81 -9.06 12.45
C ARG A 51 8.13 -8.69 11.00
N ASN A 52 7.19 -8.12 10.25
CA ASN A 52 7.48 -7.74 8.86
C ASN A 52 7.88 -6.28 8.76
N SER A 53 8.86 -5.97 7.92
CA SER A 53 9.38 -4.62 7.76
C SER A 53 8.38 -3.61 7.22
N ASP A 54 7.48 -3.97 6.29
CA ASP A 54 6.47 -3.02 5.83
C ASP A 54 5.56 -2.65 7.01
N ALA A 55 5.14 -3.66 7.77
CA ALA A 55 4.26 -3.40 8.91
C ALA A 55 4.94 -2.49 9.92
N LEU A 56 6.24 -2.71 10.16
CA LEU A 56 6.97 -1.84 11.09
C LEU A 56 7.04 -0.40 10.57
N ALA A 57 7.23 -0.22 9.26
CA ALA A 57 7.27 1.13 8.68
C ALA A 57 5.94 1.85 8.82
N LEU A 58 4.85 1.11 8.58
CA LEU A 58 3.50 1.67 8.72
C LEU A 58 3.23 2.00 10.19
N GLN A 59 3.64 1.10 11.08
CA GLN A 59 3.48 1.33 12.52
C GLN A 59 4.22 2.58 12.98
N ARG A 60 5.49 2.76 12.59
CA ARG A 60 6.26 3.91 13.03
C ARG A 60 5.82 5.20 12.36
N ASN A 61 5.16 5.12 11.19
CA ASN A 61 4.68 6.31 10.54
C ASN A 61 3.23 6.65 10.91
N SER A 62 2.61 5.90 11.79
CA SER A 62 1.26 6.20 12.25
C SER A 62 1.33 7.27 13.35
N SER A 63 0.36 8.16 13.46
CA SER A 63 0.45 9.21 14.48
C SER A 63 0.14 8.59 15.85
N LEU A 64 -0.73 7.58 15.82
CA LEU A 64 -1.08 6.84 17.03
C LEU A 64 -0.02 5.79 17.32
N GLN A 65 0.12 5.44 18.59
CA GLN A 65 1.01 4.34 18.98
C GLN A 65 0.16 3.08 18.84
N LEU A 66 0.50 2.21 17.89
CA LEU A 66 -0.30 1.03 17.63
C LEU A 66 0.43 -0.26 17.96
N ASP A 67 -0.27 -1.24 18.52
CA ASP A 67 0.38 -2.53 18.80
C ASP A 67 0.67 -3.20 17.46
N TYR A 68 1.76 -3.95 17.36
CA TYR A 68 2.12 -4.58 16.09
C TYR A 68 0.99 -5.42 15.51
N ALA A 69 0.38 -6.32 16.29
CA ALA A 69 -0.67 -7.18 15.75
C ALA A 69 -1.85 -6.41 15.17
N THR A 70 -2.11 -5.21 15.65
CA THR A 70 -3.19 -4.38 15.17
C THR A 70 -2.87 -3.84 13.78
N VAL A 71 -1.58 -3.65 13.53
CA VAL A 71 -1.15 -3.17 12.21
C VAL A 71 -1.09 -4.35 11.26
N ASN A 72 -0.63 -5.49 11.76
CA ASN A 72 -0.47 -6.67 10.91
C ASN A 72 -0.84 -7.99 11.56
N PRO A 73 -2.13 -8.36 11.46
CA PRO A 73 -2.63 -9.60 11.99
C PRO A 73 -2.04 -10.87 11.40
N TYR A 74 -1.74 -10.90 10.11
CA TYR A 74 -1.21 -12.09 9.45
C TYR A 74 0.23 -11.91 8.97
N THR A 75 1.17 -12.53 9.66
CA THR A 75 2.59 -12.45 9.36
C THR A 75 3.22 -13.79 9.02
N PHE A 76 3.79 -13.88 7.82
CA PHE A 76 4.43 -15.11 7.36
C PHE A 76 5.93 -14.87 7.19
N ALA A 77 6.75 -15.88 7.51
CA ALA A 77 8.20 -15.72 7.40
C ALA A 77 8.69 -15.66 5.97
N GLU A 78 8.20 -16.61 5.15
CA GLU A 78 8.72 -16.68 3.78
C GLU A 78 8.07 -15.66 2.87
N PRO A 79 8.90 -14.91 2.14
CA PRO A 79 8.44 -13.89 1.20
C PRO A 79 7.92 -14.46 -0.11
N THR A 80 6.89 -15.30 -0.05
CA THR A 80 6.27 -15.86 -1.25
C THR A 80 4.81 -15.44 -1.28
N SER A 81 4.04 -15.86 -2.30
CA SER A 81 2.64 -15.42 -2.32
C SER A 81 1.93 -15.89 -1.06
N PRO A 82 1.11 -15.03 -0.46
CA PRO A 82 0.35 -15.35 0.74
C PRO A 82 -0.40 -16.67 0.68
N HIS A 83 -1.12 -16.95 -0.41
CA HIS A 83 -1.83 -18.24 -0.49
C HIS A 83 -0.91 -19.45 -0.36
N ILE A 84 0.30 -19.43 -0.89
CA ILE A 84 1.22 -20.56 -0.83
C ILE A 84 1.69 -20.88 0.57
N ILE A 85 2.23 -19.85 1.24
CA ILE A 85 2.74 -20.01 2.60
C ILE A 85 1.62 -20.20 3.62
N SER A 86 0.44 -19.62 3.38
CA SER A 86 -0.71 -19.85 4.26
C SER A 86 -1.11 -21.33 4.20
N ALA A 87 -1.16 -21.90 3.01
CA ALA A 87 -1.54 -23.29 2.82
C ALA A 87 -0.50 -24.24 3.39
N GLN A 88 0.79 -23.94 3.18
CA GLN A 88 1.85 -24.80 3.67
C GLN A 88 1.91 -24.77 5.20
N GLU A 89 1.61 -23.62 5.79
CA GLU A 89 1.65 -23.52 7.25
C GLU A 89 0.35 -23.87 7.93
N GLY A 90 -0.73 -24.08 7.19
CA GLY A 90 -2.02 -24.40 7.75
C GLY A 90 -2.58 -23.22 8.54
N ARG A 91 -2.41 -22.00 8.03
CA ARG A 91 -2.91 -20.79 8.66
C ARG A 91 -3.74 -20.01 7.64
N PRO A 92 -5.01 -20.34 7.54
CA PRO A 92 -5.91 -19.70 6.59
C PRO A 92 -6.00 -18.20 6.79
N ILE A 93 -6.08 -17.50 5.67
CA ILE A 93 -6.29 -16.05 5.68
C ILE A 93 -7.78 -15.80 5.53
N GLU A 94 -8.40 -15.19 6.55
CA GLU A 94 -9.84 -14.97 6.51
C GLU A 94 -10.25 -13.53 6.26
N SER A 95 -11.15 -13.34 5.30
CA SER A 95 -11.69 -12.01 5.01
C SER A 95 -12.25 -11.34 6.26
N LEU A 96 -13.04 -12.08 7.01
CA LEU A 96 -13.63 -11.58 8.25
C LEU A 96 -12.58 -11.04 9.21
N VAL A 97 -11.45 -11.74 9.35
CA VAL A 97 -10.40 -11.31 10.26
C VAL A 97 -9.73 -10.04 9.73
N MET A 98 -9.51 -9.97 8.42
CA MET A 98 -8.89 -8.77 7.83
C MET A 98 -9.80 -7.57 8.00
N SER A 99 -11.11 -7.78 7.82
CA SER A 99 -12.10 -6.72 7.98
C SER A 99 -12.24 -6.27 9.42
N ALA A 100 -12.23 -7.24 10.36
CA ALA A 100 -12.31 -6.90 11.78
C ALA A 100 -11.14 -6.02 12.20
N GLY A 101 -9.93 -6.33 11.70
CA GLY A 101 -8.76 -5.53 12.04
C GLY A 101 -8.87 -4.09 11.56
N LEU A 102 -9.45 -3.91 10.37
CA LEU A 102 -9.66 -2.58 9.82
C LEU A 102 -10.64 -1.80 10.71
N ARG A 103 -11.71 -2.46 11.12
CA ARG A 103 -12.67 -1.84 12.05
C ARG A 103 -12.01 -1.46 13.36
N ALA A 104 -11.14 -2.31 13.91
CA ALA A 104 -10.47 -2.06 15.17
C ALA A 104 -9.60 -0.80 15.09
N LEU A 105 -8.90 -0.60 13.98
CA LEU A 105 -8.11 0.60 13.76
C LEU A 105 -8.98 1.84 13.67
N GLU A 106 -10.16 1.70 13.06
CA GLU A 106 -11.11 2.80 12.97
C GLU A 106 -11.65 3.22 14.34
N GLN A 107 -11.51 2.40 15.38
CA GLN A 107 -11.87 2.76 16.74
C GLN A 107 -11.07 3.98 17.22
N GLN A 108 -9.79 4.07 16.84
CA GLN A 108 -8.98 5.19 17.28
C GLN A 108 -8.47 6.10 16.18
N ALA A 109 -8.38 5.66 14.93
CA ALA A 109 -7.87 6.52 13.87
C ALA A 109 -8.99 7.10 13.00
N ASP A 110 -8.81 8.31 12.50
CA ASP A 110 -9.82 8.89 11.62
C ASP A 110 -9.32 8.96 10.18
N TRP A 111 -8.15 8.36 9.93
CA TRP A 111 -7.55 8.34 8.60
C TRP A 111 -6.72 7.05 8.54
N VAL A 112 -7.19 6.08 7.74
CA VAL A 112 -6.56 4.76 7.77
C VAL A 112 -6.07 4.42 6.36
N LEU A 113 -4.80 4.02 6.30
CA LEU A 113 -4.21 3.61 5.02
C LEU A 113 -3.92 2.13 5.14
N VAL A 114 -4.37 1.38 4.15
CA VAL A 114 -4.22 -0.06 4.10
C VAL A 114 -3.27 -0.41 2.96
N GLU A 115 -2.16 -1.04 3.28
CA GLU A 115 -1.23 -1.43 2.22
C GLU A 115 -1.52 -2.87 1.79
N GLY A 116 -1.55 -3.07 0.48
CA GLY A 116 -1.78 -4.45 -0.01
C GLY A 116 -0.43 -5.18 0.02
N ALA A 117 -0.38 -6.31 -0.65
CA ALA A 117 0.84 -7.12 -0.72
C ALA A 117 1.00 -7.47 -2.19
N GLY A 118 2.21 -7.27 -2.73
CA GLY A 118 2.38 -7.54 -4.16
C GLY A 118 1.55 -6.53 -4.96
N GLY A 119 1.02 -7.02 -6.08
CA GLY A 119 0.20 -6.20 -6.95
C GLY A 119 -1.29 -6.44 -6.66
N TRP A 120 -2.16 -5.93 -7.51
CA TRP A 120 -3.59 -5.99 -7.35
C TRP A 120 -4.16 -7.36 -7.07
N PHE A 121 -3.75 -8.35 -7.84
CA PHE A 121 -4.41 -9.65 -7.75
C PHE A 121 -3.72 -10.69 -6.90
N THR A 122 -2.93 -10.31 -5.92
CA THR A 122 -2.29 -11.32 -5.06
C THR A 122 -3.25 -12.26 -4.39
N PRO A 123 -3.10 -13.56 -4.61
CA PRO A 123 -3.97 -14.57 -4.02
C PRO A 123 -3.71 -14.72 -2.53
N LEU A 124 -4.80 -14.86 -1.79
CA LEU A 124 -4.82 -15.06 -0.35
C LEU A 124 -5.16 -16.50 0.00
N SER A 125 -5.94 -17.15 -0.86
CA SER A 125 -6.24 -18.57 -0.82
C SER A 125 -6.32 -19.03 -2.29
N ASP A 126 -6.64 -20.29 -2.52
CA ASP A 126 -6.82 -20.76 -3.89
C ASP A 126 -8.09 -20.25 -4.55
N THR A 127 -9.01 -19.67 -3.78
CA THR A 127 -10.23 -19.13 -4.34
C THR A 127 -10.48 -17.68 -3.98
N PHE A 128 -9.55 -16.97 -3.35
CA PHE A 128 -9.82 -15.59 -2.90
C PHE A 128 -8.57 -14.74 -3.04
N THR A 129 -8.71 -13.59 -3.69
CA THR A 129 -7.56 -12.70 -3.89
C THR A 129 -7.68 -11.45 -3.02
N PHE A 130 -6.59 -10.69 -3.01
CA PHE A 130 -6.59 -9.43 -2.24
C PHE A 130 -7.61 -8.49 -2.89
N ALA A 131 -7.65 -8.49 -4.24
CA ALA A 131 -8.66 -7.73 -4.96
C ALA A 131 -10.08 -8.08 -4.51
N ASP A 132 -10.40 -9.33 -4.17
CA ASP A 132 -11.72 -9.67 -3.68
C ASP A 132 -12.04 -8.91 -2.39
N TRP A 133 -11.07 -8.84 -1.48
CA TRP A 133 -11.31 -8.20 -0.19
C TRP A 133 -11.47 -6.69 -0.34
N VAL A 134 -10.63 -6.09 -1.17
CA VAL A 134 -10.74 -4.63 -1.40
C VAL A 134 -12.11 -4.29 -1.97
N THR A 135 -12.57 -5.13 -2.89
CA THR A 135 -13.90 -4.99 -3.49
C THR A 135 -14.99 -5.14 -2.45
N GLN A 136 -14.89 -6.11 -1.53
CA GLN A 136 -15.89 -6.27 -0.48
C GLN A 136 -15.99 -5.05 0.42
N GLU A 137 -14.83 -4.52 0.80
CA GLU A 137 -14.72 -3.35 1.65
C GLU A 137 -15.01 -2.05 0.90
N GLN A 138 -15.04 -2.06 -0.42
CA GLN A 138 -15.29 -0.88 -1.23
C GLN A 138 -14.36 0.26 -0.89
N LEU A 139 -13.07 -0.08 -0.72
CA LEU A 139 -12.06 0.91 -0.38
C LEU A 139 -11.65 1.67 -1.63
N PRO A 140 -11.55 2.99 -1.54
CA PRO A 140 -11.00 3.80 -2.63
C PRO A 140 -9.53 3.43 -2.74
N VAL A 141 -9.01 3.37 -3.96
CA VAL A 141 -7.69 2.83 -4.19
C VAL A 141 -6.68 3.88 -4.64
N ILE A 142 -5.48 3.80 -4.08
CA ILE A 142 -4.40 4.69 -4.49
C ILE A 142 -3.36 3.83 -5.22
N LEU A 143 -2.98 4.19 -6.44
CA LEU A 143 -2.03 3.39 -7.21
C LEU A 143 -0.62 3.94 -7.12
N VAL A 144 0.33 3.12 -6.67
CA VAL A 144 1.72 3.58 -6.62
C VAL A 144 2.40 3.06 -7.90
N VAL A 145 2.94 4.01 -8.65
CA VAL A 145 3.59 3.70 -9.91
C VAL A 145 5.09 3.95 -9.79
N GLY A 146 5.85 2.85 -9.92
CA GLY A 146 7.31 2.96 -9.87
C GLY A 146 7.69 3.48 -11.27
N VAL A 147 8.31 4.65 -11.32
CA VAL A 147 8.64 5.22 -12.62
C VAL A 147 9.82 4.46 -13.23
N LYS A 148 9.50 3.53 -14.12
CA LYS A 148 10.50 2.72 -14.81
C LYS A 148 9.91 2.13 -16.09
N LEU A 149 10.78 1.69 -17.00
CA LEU A 149 10.28 1.06 -18.23
C LEU A 149 9.33 -0.07 -17.86
N GLY A 150 8.18 -0.14 -18.50
CA GLY A 150 7.19 -1.17 -18.21
C GLY A 150 6.10 -0.67 -17.28
N CYS A 151 6.27 0.50 -16.66
CA CYS A 151 5.25 1.00 -15.75
C CYS A 151 4.03 1.56 -16.44
N ILE A 152 4.13 2.03 -17.68
CA ILE A 152 2.89 2.53 -18.33
C ILE A 152 1.91 1.37 -18.45
N ASN A 153 2.38 0.25 -19.00
CA ASN A 153 1.55 -0.94 -19.19
C ASN A 153 0.97 -1.42 -17.86
N HIS A 154 1.84 -1.58 -16.85
CA HIS A 154 1.31 -2.06 -15.56
C HIS A 154 0.34 -1.06 -14.95
N ALA A 155 0.60 0.22 -15.07
CA ALA A 155 -0.31 1.22 -14.51
C ALA A 155 -1.65 1.15 -15.24
N MET A 156 -1.63 1.05 -16.57
CA MET A 156 -2.88 0.97 -17.32
C MET A 156 -3.68 -0.28 -17.02
N LEU A 157 -3.02 -1.43 -16.90
CA LEU A 157 -3.65 -2.69 -16.60
C LEU A 157 -4.34 -2.60 -15.23
N THR A 158 -3.57 -2.10 -14.24
CA THR A 158 -4.12 -2.05 -12.88
C THR A 158 -5.29 -1.09 -12.79
N ALA A 159 -5.13 0.10 -13.37
CA ALA A 159 -6.23 1.07 -13.39
C ALA A 159 -7.47 0.49 -14.05
N GLN A 160 -7.33 -0.19 -15.21
CA GLN A 160 -8.52 -0.70 -15.88
C GLN A 160 -9.24 -1.73 -15.02
N VAL A 161 -8.49 -2.65 -14.43
CA VAL A 161 -9.13 -3.71 -13.63
C VAL A 161 -9.80 -3.13 -12.39
N ILE A 162 -9.19 -2.14 -11.77
CA ILE A 162 -9.78 -1.48 -10.60
C ILE A 162 -11.12 -0.86 -10.98
N GLN A 163 -11.15 -0.13 -12.10
CA GLN A 163 -12.38 0.52 -12.53
C GLN A 163 -13.46 -0.48 -12.90
N HIS A 164 -13.04 -1.62 -13.47
CA HIS A 164 -13.99 -2.66 -13.85
C HIS A 164 -14.59 -3.39 -12.67
N ALA A 165 -13.95 -3.36 -11.50
CA ALA A 165 -14.49 -3.94 -10.29
C ALA A 165 -15.49 -3.03 -9.61
N GLY A 166 -15.74 -1.85 -10.16
CA GLY A 166 -16.66 -0.86 -9.63
C GLY A 166 -16.07 0.04 -8.57
N LEU A 167 -14.75 0.00 -8.38
CA LEU A 167 -14.07 0.73 -7.34
C LEU A 167 -13.58 2.10 -7.80
N THR A 168 -13.38 2.99 -6.84
CA THR A 168 -12.85 4.32 -7.15
C THR A 168 -11.33 4.30 -7.09
N LEU A 169 -10.72 4.79 -8.17
CA LEU A 169 -9.28 4.97 -8.21
C LEU A 169 -9.08 6.43 -7.75
N ALA A 170 -8.83 6.59 -6.46
CA ALA A 170 -8.74 7.90 -5.84
C ALA A 170 -7.55 8.76 -6.23
N GLY A 171 -6.46 8.13 -6.63
CA GLY A 171 -5.28 8.89 -7.07
C GLY A 171 -4.11 7.95 -7.33
N TRP A 172 -3.01 8.54 -7.81
CA TRP A 172 -1.80 7.78 -8.04
C TRP A 172 -0.61 8.60 -7.52
N VAL A 173 0.43 7.87 -7.14
CA VAL A 173 1.66 8.43 -6.65
C VAL A 173 2.80 7.94 -7.56
N ALA A 174 3.57 8.90 -8.03
CA ALA A 174 4.75 8.61 -8.84
C ALA A 174 5.94 8.43 -7.90
N ASN A 175 6.56 7.26 -7.96
CA ASN A 175 7.71 6.97 -7.10
C ASN A 175 8.96 6.81 -7.96
N ASP A 176 9.96 7.64 -7.68
CA ASP A 176 11.23 7.55 -8.40
C ASP A 176 12.11 6.47 -7.77
N VAL A 177 11.96 5.22 -8.20
CA VAL A 177 12.70 4.08 -7.72
C VAL A 177 14.17 4.05 -8.16
N THR A 178 14.48 4.76 -9.23
CA THR A 178 15.87 4.84 -9.72
C THR A 178 16.26 6.29 -9.94
N PRO A 179 17.56 6.59 -10.05
CA PRO A 179 17.99 7.93 -10.34
C PRO A 179 17.39 8.41 -11.65
N PRO A 180 17.36 9.72 -11.86
CA PRO A 180 16.76 10.31 -13.05
C PRO A 180 17.28 9.70 -14.33
N GLY A 181 16.39 9.36 -15.26
CA GLY A 181 16.79 8.85 -16.57
C GLY A 181 16.32 9.79 -17.67
N LYS A 182 16.74 9.55 -18.90
CA LYS A 182 16.42 10.34 -20.06
C LYS A 182 14.97 10.67 -20.36
N ARG A 183 14.07 9.69 -20.26
CA ARG A 183 12.66 10.01 -20.63
C ARG A 183 11.75 10.23 -19.42
N HIS A 184 12.30 10.77 -18.34
CA HIS A 184 11.54 10.97 -17.11
C HIS A 184 10.30 11.85 -17.30
N ALA A 185 10.46 13.03 -17.91
CA ALA A 185 9.36 13.95 -18.11
C ALA A 185 8.30 13.40 -19.05
N GLU A 186 8.73 12.72 -20.12
CA GLU A 186 7.79 12.09 -21.05
C GLU A 186 7.01 10.96 -20.38
N TYR A 187 7.66 10.20 -19.50
CA TYR A 187 6.94 9.13 -18.80
C TYR A 187 5.91 9.71 -17.85
N MET A 188 6.29 10.78 -17.16
CA MET A 188 5.36 11.44 -16.24
C MET A 188 4.17 11.98 -17.00
N THR A 189 4.39 12.61 -18.16
CA THR A 189 3.32 13.13 -18.99
C THR A 189 2.39 12.00 -19.46
N THR A 190 2.96 10.89 -19.92
CA THR A 190 2.19 9.76 -20.41
C THR A 190 1.37 9.15 -19.29
N LEU A 191 2.00 8.94 -18.13
CA LEU A 191 1.25 8.37 -17.02
C LEU A 191 0.10 9.28 -16.58
N THR A 192 0.38 10.58 -16.55
CA THR A 192 -0.60 11.58 -16.11
C THR A 192 -1.82 11.58 -17.00
N ARG A 193 -1.61 11.49 -18.32
CA ARG A 193 -2.71 11.47 -19.26
C ARG A 193 -3.51 10.17 -19.15
N MET A 194 -2.81 9.05 -19.02
CA MET A 194 -3.45 7.75 -19.07
C MET A 194 -4.13 7.25 -17.80
N ILE A 195 -3.62 7.64 -16.63
CA ILE A 195 -4.22 7.19 -15.39
C ILE A 195 -5.39 8.11 -15.06
N PRO A 196 -6.59 7.57 -14.97
CA PRO A 196 -7.79 8.35 -14.69
C PRO A 196 -8.01 8.64 -13.22
N ALA A 197 -7.10 9.36 -12.62
CA ALA A 197 -7.12 9.79 -11.25
C ALA A 197 -6.03 10.86 -11.09
N PRO A 198 -6.18 11.70 -10.06
CA PRO A 198 -5.23 12.73 -9.81
C PRO A 198 -3.85 12.22 -9.39
N LEU A 199 -2.84 12.85 -9.97
CA LEU A 199 -1.47 12.57 -9.52
C LEU A 199 -1.33 13.27 -8.16
N LEU A 200 -1.13 12.54 -7.07
CA LEU A 200 -1.04 13.13 -5.74
C LEU A 200 0.32 13.74 -5.43
N GLY A 201 1.35 13.27 -6.18
CA GLY A 201 2.69 13.74 -5.92
C GLY A 201 3.74 12.76 -6.46
N GLU A 202 4.98 13.23 -6.43
CA GLU A 202 6.11 12.46 -6.92
C GLU A 202 7.19 12.39 -5.84
N ILE A 203 7.55 11.17 -5.45
CA ILE A 203 8.57 10.99 -4.43
C ILE A 203 9.92 10.79 -5.13
N PRO A 204 10.87 11.66 -4.82
CA PRO A 204 12.17 11.62 -5.46
C PRO A 204 12.97 10.38 -5.07
N TRP A 205 14.04 10.15 -5.82
CA TRP A 205 14.94 9.03 -5.54
C TRP A 205 15.76 9.36 -4.29
N LEU A 206 15.47 8.58 -3.26
CA LEU A 206 16.11 8.71 -1.94
C LEU A 206 16.80 7.40 -1.57
N ALA A 207 18.07 7.35 -1.90
CA ALA A 207 18.93 6.17 -1.73
C ALA A 207 18.88 5.56 -0.31
N GLU A 208 19.12 6.39 0.68
CA GLU A 208 19.21 5.90 2.08
C GLU A 208 17.87 6.04 2.85
N ASN A 209 17.48 4.90 3.39
CA ASN A 209 16.27 4.74 4.25
C ASN A 209 15.14 5.68 3.83
N PRO A 210 14.49 5.47 2.68
CA PRO A 210 13.39 6.32 2.24
C PRO A 210 12.16 6.21 3.13
N GLU A 211 12.04 5.07 3.81
CA GLU A 211 10.86 4.77 4.68
C GLU A 211 10.77 5.70 5.88
N ASN A 212 11.90 6.22 6.33
CA ASN A 212 11.97 7.14 7.45
C ASN A 212 12.29 8.56 7.03
N ALA A 213 12.43 8.80 5.72
CA ALA A 213 12.70 10.14 5.20
C ALA A 213 11.45 11.00 5.33
N ALA A 214 11.60 12.30 5.43
CA ALA A 214 10.45 13.20 5.53
C ALA A 214 9.90 13.40 4.12
N THR A 215 8.95 12.57 3.73
CA THR A 215 8.40 12.60 2.37
C THR A 215 6.95 13.04 2.31
N GLY A 216 6.35 13.39 3.45
CA GLY A 216 4.99 13.90 3.46
C GLY A 216 4.80 15.13 2.58
N LYS A 217 5.80 15.99 2.50
CA LYS A 217 5.80 17.19 1.69
C LYS A 217 5.59 16.92 0.20
N TYR A 218 5.93 15.73 -0.30
CA TYR A 218 5.72 15.39 -1.71
C TYR A 218 4.30 15.04 -2.09
N ILE A 219 3.40 14.91 -1.13
CA ILE A 219 2.01 14.56 -1.35
C ILE A 219 1.10 15.76 -1.14
N ASN A 220 0.20 16.00 -2.08
CA ASN A 220 -0.81 17.03 -1.94
C ASN A 220 -2.12 16.32 -1.57
N LEU A 221 -2.35 16.24 -0.25
CA LEU A 221 -3.56 15.57 0.23
C LEU A 221 -4.85 16.26 -0.20
N ALA A 222 -4.87 17.52 -0.60
CA ALA A 222 -6.08 18.19 -1.05
C ALA A 222 -6.56 17.69 -2.41
N LEU A 223 -5.71 16.99 -3.16
CA LEU A 223 -6.11 16.36 -4.42
C LEU A 223 -6.73 14.99 -4.14
N LEU A 224 -6.54 14.49 -2.91
CA LEU A 224 -7.13 13.20 -2.59
C LEU A 224 -8.62 13.48 -2.46
#